data_6G15
#
_entry.id   6G15
#
_cell.length_a   72.084
_cell.length_b   78.467
_cell.length_c   125.022
_cell.angle_alpha   90.00
_cell.angle_beta   90.00
_cell.angle_gamma   90.00
#
_symmetry.space_group_name_H-M   'P 21 21 21'
#
loop_
_entity.id
_entity.type
_entity.pdbx_description
1 polymer 'Ribosome biogenesis GTPase A'
2 non-polymer "guanosine 5'-(tetrahydrogen triphosphate) 3'-(trihydrogen diphosphate)"
3 water water
#
_entity_poly.entity_id   1
_entity_poly.type   'polypeptide(L)'
_entity_poly.pdbx_seq_one_letter_code
;MGHHHHHHVIQWYPGHMAKAKREVSEQLKKVDVVFELVDARIPYSSRNPMIDEVINQKPRVVILNKKDMSNLNEMSKWEQ
FFIDKGYYPVSVDAKHGKNLKKVEAAAIKATAEKFEREKAKGLKPRAIRAMIVGIPNVGKSTLINKLAKRSIAQTGNKPG
VTKQQQWIKVGNALQLLDTPGILWPKFEDEEVGKKLSLTGAIKDSIVHLDEVAIYGLNFLIQNDLARLKSHYNIEVPEDA
EIIAWFDAIGKKRGLIRRGNEIDYEAVIELIIYDIRNAKIGNYCFDIFKDMTEELANDANN
;
_entity_poly.pdbx_strand_id   A,B
#
loop_
_chem_comp.id
_chem_comp.type
_chem_comp.name
_chem_comp.formula
0O2 non-polymer 'guanosine 5'-(tetrahydrogen triphosphate) 3'-(trihydrogen diphosphate)' 'C10 H18 N5 O20 P5'
#
# COMPACT_ATOMS: atom_id res chain seq x y z
N VAL A 9 -2.41 -5.90 -2.33
CA VAL A 9 -1.80 -4.58 -2.21
C VAL A 9 -0.33 -4.60 -2.60
N ILE A 10 0.09 -3.60 -3.38
CA ILE A 10 1.47 -3.53 -3.84
C ILE A 10 2.08 -2.20 -3.45
N GLN A 11 3.28 -2.27 -2.90
CA GLN A 11 4.02 -1.09 -2.46
C GLN A 11 4.98 -0.60 -3.52
N TRP A 12 4.70 0.55 -4.10
CA TRP A 12 5.62 1.12 -5.07
C TRP A 12 6.66 1.95 -4.34
N TYR A 13 7.87 1.87 -4.84
CA TYR A 13 8.97 2.73 -4.45
C TYR A 13 9.90 2.65 -5.64
N PRO A 14 10.77 3.65 -5.82
CA PRO A 14 11.60 3.75 -7.02
C PRO A 14 12.23 2.43 -7.43
N GLY A 15 12.79 1.69 -6.48
CA GLY A 15 13.44 0.42 -6.76
C GLY A 15 12.48 -0.61 -7.33
N HIS A 16 11.31 -0.72 -6.73
CA HIS A 16 10.31 -1.67 -7.20
C HIS A 16 9.83 -1.28 -8.61
N MET A 17 9.73 0.02 -8.88
CA MET A 17 9.31 0.48 -10.21
C MET A 17 10.31 0.08 -11.29
N ALA A 18 11.59 0.32 -11.03
CA ALA A 18 12.64 -0.07 -11.97
C ALA A 18 12.67 -1.57 -12.21
N LYS A 19 12.45 -2.34 -11.15
CA LYS A 19 12.43 -3.79 -11.23
C LYS A 19 11.25 -4.29 -12.07
N ALA A 20 10.08 -3.72 -11.81
CA ALA A 20 8.87 -4.07 -12.54
C ALA A 20 9.05 -3.77 -14.01
N LYS A 21 9.60 -2.60 -14.31
CA LYS A 21 9.75 -2.19 -15.71
C LYS A 21 10.69 -3.15 -16.44
N ARG A 22 11.84 -3.41 -15.81
CA ARG A 22 12.82 -4.31 -16.38
C ARG A 22 12.22 -5.71 -16.57
N GLU A 23 11.60 -6.26 -15.53
CA GLU A 23 11.06 -7.61 -15.60
C GLU A 23 9.95 -7.77 -16.64
N VAL A 24 9.07 -6.79 -16.75
CA VAL A 24 8.01 -6.88 -17.75
C VAL A 24 8.55 -6.77 -19.17
N SER A 25 9.44 -5.80 -19.41
CA SER A 25 10.12 -5.71 -20.70
C SER A 25 10.75 -7.04 -21.09
N GLU A 26 11.34 -7.74 -20.13
CA GLU A 26 11.94 -9.04 -20.41
C GLU A 26 10.89 -10.11 -20.79
N GLN A 27 9.75 -10.16 -20.09
CA GLN A 27 8.71 -11.12 -20.43
C GLN A 27 8.22 -10.82 -21.85
N LEU A 28 8.15 -9.54 -22.20
CA LEU A 28 7.59 -9.13 -23.50
C LEU A 28 8.42 -9.62 -24.70
N LYS A 29 9.72 -9.79 -24.50
CA LYS A 29 10.57 -10.36 -25.55
C LYS A 29 10.11 -11.77 -25.93
N LYS A 30 9.46 -12.44 -24.98
CA LYS A 30 9.00 -13.83 -25.18
C LYS A 30 7.67 -14.01 -25.91
N VAL A 31 6.97 -12.91 -26.21
CA VAL A 31 5.61 -13.03 -26.76
C VAL A 31 5.45 -12.37 -28.13
N ASP A 32 4.42 -12.79 -28.85
CA ASP A 32 4.08 -12.20 -30.14
C ASP A 32 3.12 -11.02 -29.98
N VAL A 33 2.34 -11.07 -28.90
CA VAL A 33 1.28 -10.08 -28.68
C VAL A 33 1.11 -9.82 -27.19
N VAL A 34 0.80 -8.58 -26.85
CA VAL A 34 0.54 -8.22 -25.46
C VAL A 34 -0.93 -7.84 -25.31
N PHE A 35 -1.54 -8.33 -24.23
CA PHE A 35 -2.88 -7.89 -23.83
C PHE A 35 -2.71 -6.83 -22.76
N GLU A 36 -2.96 -5.57 -23.10
CA GLU A 36 -2.97 -4.49 -22.11
C GLU A 36 -4.35 -4.48 -21.50
N LEU A 37 -4.42 -4.77 -20.20
CA LEU A 37 -5.70 -4.93 -19.53
C LEU A 37 -6.00 -3.63 -18.78
N VAL A 38 -7.14 -3.02 -19.10
CA VAL A 38 -7.58 -1.78 -18.47
C VAL A 38 -8.97 -1.98 -17.86
N ASP A 39 -9.38 -1.06 -17.00
CA ASP A 39 -10.65 -1.08 -16.36
C ASP A 39 -11.62 -0.37 -17.28
N ALA A 40 -12.69 -1.05 -17.71
CA ALA A 40 -13.68 -0.42 -18.59
C ALA A 40 -14.32 0.83 -17.99
N ARG A 41 -14.29 0.95 -16.66
CA ARG A 41 -14.82 2.14 -16.00
C ARG A 41 -13.93 3.37 -16.19
N ILE A 42 -12.66 3.15 -16.53
CA ILE A 42 -11.70 4.24 -16.79
C ILE A 42 -10.64 3.73 -17.77
N PRO A 43 -11.01 3.56 -19.04
CA PRO A 43 -10.08 2.88 -19.95
C PRO A 43 -8.77 3.61 -20.21
N TYR A 44 -8.76 4.92 -19.98
CA TYR A 44 -7.55 5.73 -20.16
C TYR A 44 -6.83 5.96 -18.81
N SER A 45 -7.57 6.23 -17.75
CA SER A 45 -6.96 6.57 -16.45
C SER A 45 -6.41 5.36 -15.70
N SER A 46 -6.80 4.14 -16.12
CA SER A 46 -6.30 2.92 -15.49
C SER A 46 -5.09 2.35 -16.25
N ARG A 47 -4.48 3.14 -17.14
CA ARG A 47 -3.28 2.69 -17.86
C ARG A 47 -1.99 3.07 -17.12
N ASN A 48 -0.97 2.23 -17.22
CA ASN A 48 0.35 2.65 -16.71
C ASN A 48 0.90 3.81 -17.53
N PRO A 49 1.46 4.83 -16.85
CA PRO A 49 1.86 6.04 -17.58
C PRO A 49 3.03 5.86 -18.56
N MET A 50 3.79 4.78 -18.43
CA MET A 50 4.87 4.53 -19.37
C MET A 50 4.56 3.33 -20.25
N ILE A 51 3.28 2.98 -20.40
CA ILE A 51 2.95 1.70 -21.02
C ILE A 51 3.44 1.62 -22.47
N ASP A 52 3.43 2.73 -23.20
CA ASP A 52 3.85 2.66 -24.60
C ASP A 52 5.37 2.47 -24.72
N GLU A 53 6.13 3.00 -23.76
CA GLU A 53 7.57 2.75 -23.73
C GLU A 53 7.89 1.29 -23.40
N VAL A 54 7.17 0.71 -22.45
CA VAL A 54 7.35 -0.69 -22.06
C VAL A 54 6.95 -1.66 -23.18
N ILE A 55 5.80 -1.41 -23.80
CA ILE A 55 5.29 -2.31 -24.82
C ILE A 55 6.04 -2.15 -26.14
N ASN A 56 6.46 -0.93 -26.44
CA ASN A 56 7.35 -0.66 -27.56
C ASN A 56 6.90 -1.26 -28.90
N GLN A 57 5.66 -0.97 -29.29
CA GLN A 57 5.13 -1.33 -30.60
C GLN A 57 4.87 -2.82 -30.81
N LYS A 58 4.97 -3.61 -29.75
CA LYS A 58 4.48 -4.99 -29.79
C LYS A 58 3.00 -4.96 -30.20
N PRO A 59 2.57 -5.89 -31.08
CA PRO A 59 1.14 -6.00 -31.40
C PRO A 59 0.30 -6.04 -30.12
N ARG A 60 -0.80 -5.32 -30.09
CA ARG A 60 -1.50 -5.07 -28.83
C ARG A 60 -3.00 -5.27 -28.91
N VAL A 61 -3.52 -6.11 -28.03
CA VAL A 61 -4.95 -6.19 -27.75
C VAL A 61 -5.16 -5.39 -26.47
N VAL A 62 -6.07 -4.41 -26.49
CA VAL A 62 -6.45 -3.70 -25.25
C VAL A 62 -7.74 -4.32 -24.78
N ILE A 63 -7.71 -4.89 -23.58
CA ILE A 63 -8.88 -5.56 -23.01
C ILE A 63 -9.53 -4.65 -21.97
N LEU A 64 -10.74 -4.18 -22.28
CA LEU A 64 -11.48 -3.35 -21.36
C LEU A 64 -12.26 -4.30 -20.47
N ASN A 65 -11.70 -4.59 -19.30
CA ASN A 65 -12.30 -5.55 -18.39
C ASN A 65 -13.32 -4.86 -17.46
N LYS A 66 -14.12 -5.68 -16.77
CA LYS A 66 -15.22 -5.18 -15.93
C LYS A 66 -16.25 -4.41 -16.76
N LYS A 67 -16.51 -4.87 -17.96
CA LYS A 67 -17.50 -4.20 -18.80
C LYS A 67 -18.88 -4.17 -18.13
N ASP A 68 -19.15 -5.15 -17.26
CA ASP A 68 -20.43 -5.24 -16.57
C ASP A 68 -20.65 -4.09 -15.58
N MET A 69 -19.58 -3.39 -15.22
CA MET A 69 -19.65 -2.27 -14.27
C MET A 69 -19.54 -0.90 -14.95
N SER A 70 -19.48 -0.88 -16.27
CA SER A 70 -19.28 0.35 -17.02
C SER A 70 -20.39 0.67 -18.01
N ASN A 71 -20.22 1.76 -18.74
CA ASN A 71 -21.16 2.25 -19.71
C ASN A 71 -20.66 1.96 -21.11
N LEU A 72 -21.42 1.20 -21.87
CA LEU A 72 -21.02 0.79 -23.19
C LEU A 72 -20.83 1.89 -24.18
N ASN A 73 -21.68 2.89 -24.14
CA ASN A 73 -21.55 3.99 -25.06
C ASN A 73 -20.24 4.73 -24.87
N GLU A 74 -19.89 5.01 -23.63
CA GLU A 74 -18.61 5.68 -23.37
C GLU A 74 -17.45 4.75 -23.72
N MET A 75 -17.58 3.50 -23.35
CA MET A 75 -16.55 2.52 -23.69
C MET A 75 -16.28 2.51 -25.20
N SER A 76 -17.33 2.60 -26.00
CA SER A 76 -17.11 2.55 -27.44
C SER A 76 -16.25 3.73 -27.92
N LYS A 77 -16.33 4.89 -27.28
CA LYS A 77 -15.50 6.04 -27.65
C LYS A 77 -14.01 5.73 -27.40
N TRP A 78 -13.73 5.11 -26.27
CA TRP A 78 -12.38 4.65 -25.95
C TRP A 78 -11.93 3.53 -26.90
N GLU A 79 -12.84 2.62 -27.27
CA GLU A 79 -12.45 1.62 -28.24
C GLU A 79 -12.03 2.28 -29.57
N GLN A 80 -12.76 3.31 -30.01
CA GLN A 80 -12.36 4.03 -31.22
C GLN A 80 -10.97 4.65 -31.06
N PHE A 81 -10.73 5.25 -29.89
CA PHE A 81 -9.41 5.82 -29.59
C PHE A 81 -8.31 4.76 -29.73
N PHE A 82 -8.50 3.60 -29.12
CA PHE A 82 -7.52 2.51 -29.23
C PHE A 82 -7.37 2.00 -30.67
N ILE A 83 -8.48 1.93 -31.40
CA ILE A 83 -8.42 1.56 -32.82
C ILE A 83 -7.53 2.55 -33.59
N ASP A 84 -7.76 3.83 -33.37
CA ASP A 84 -7.00 4.87 -34.08
C ASP A 84 -5.50 4.79 -33.77
N LYS A 85 -5.14 4.26 -32.61
CA LYS A 85 -3.73 4.05 -32.25
C LYS A 85 -3.11 2.79 -32.85
N GLY A 86 -3.92 1.93 -33.47
CA GLY A 86 -3.40 0.72 -34.07
C GLY A 86 -3.50 -0.50 -33.18
N TYR A 87 -4.29 -0.40 -32.10
CA TYR A 87 -4.52 -1.52 -31.22
C TYR A 87 -5.84 -2.20 -31.56
N TYR A 88 -6.05 -3.36 -30.96
CA TYR A 88 -7.25 -4.15 -31.14
C TYR A 88 -8.03 -4.22 -29.82
N PRO A 89 -8.98 -3.30 -29.62
CA PRO A 89 -9.71 -3.33 -28.35
C PRO A 89 -10.84 -4.35 -28.29
N VAL A 90 -10.99 -5.02 -27.16
CA VAL A 90 -12.17 -5.87 -26.88
C VAL A 90 -12.61 -5.63 -25.44
N SER A 91 -13.89 -5.83 -25.15
CA SER A 91 -14.36 -5.69 -23.77
C SER A 91 -14.82 -7.04 -23.26
N VAL A 92 -14.57 -7.28 -21.98
CA VAL A 92 -14.98 -8.53 -21.37
C VAL A 92 -15.42 -8.34 -19.93
N ASP A 93 -16.15 -9.33 -19.43
CA ASP A 93 -16.38 -9.49 -17.99
C ASP A 93 -15.64 -10.75 -17.58
N ALA A 94 -14.46 -10.57 -17.01
CA ALA A 94 -13.58 -11.68 -16.70
C ALA A 94 -14.13 -12.53 -15.55
N LYS A 95 -14.95 -11.90 -14.71
CA LYS A 95 -15.48 -12.59 -13.55
C LYS A 95 -16.63 -13.51 -13.94
N HIS A 96 -17.58 -12.99 -14.69
CA HIS A 96 -18.77 -13.77 -15.04
C HIS A 96 -18.68 -14.44 -16.39
N GLY A 97 -17.57 -14.22 -17.09
CA GLY A 97 -17.23 -15.00 -18.26
C GLY A 97 -18.01 -14.68 -19.53
N LEU A 100 -15.25 -15.95 -22.93
CA LEU A 100 -14.26 -14.96 -23.32
C LEU A 100 -13.40 -15.45 -24.48
N LYS A 101 -14.06 -16.14 -25.40
CA LYS A 101 -13.48 -16.72 -26.63
C LYS A 101 -12.97 -15.66 -27.62
N LYS A 102 -13.46 -14.44 -27.43
CA LYS A 102 -13.06 -13.27 -28.20
C LYS A 102 -11.59 -12.87 -27.99
N VAL A 103 -10.99 -13.31 -26.89
CA VAL A 103 -9.59 -12.98 -26.61
C VAL A 103 -8.66 -13.64 -27.63
N GLU A 104 -8.83 -14.96 -27.83
CA GLU A 104 -8.01 -15.66 -28.83
C GLU A 104 -8.20 -15.03 -30.20
N ALA A 105 -9.45 -14.70 -30.52
CA ALA A 105 -9.76 -14.10 -31.81
C ALA A 105 -9.02 -12.78 -32.02
N ALA A 106 -8.98 -11.94 -30.99
CA ALA A 106 -8.29 -10.67 -31.10
C ALA A 106 -6.78 -10.87 -31.28
N ALA A 107 -6.23 -11.89 -30.61
CA ALA A 107 -4.81 -12.19 -30.67
C ALA A 107 -4.40 -12.58 -32.10
N ILE A 108 -5.24 -13.40 -32.72
CA ILE A 108 -5.03 -13.82 -34.11
C ILE A 108 -5.02 -12.59 -35.03
N LYS A 109 -6.01 -11.71 -34.90
CA LYS A 109 -6.01 -10.51 -35.73
C LYS A 109 -4.81 -9.57 -35.46
N ALA A 110 -4.41 -9.42 -34.20
CA ALA A 110 -3.35 -8.46 -33.90
C ALA A 110 -2.02 -8.94 -34.49
N THR A 111 -1.89 -10.26 -34.63
CA THR A 111 -0.65 -10.87 -35.10
C THR A 111 -0.77 -11.35 -36.54
N ALA A 112 -1.88 -10.99 -37.19
CA ALA A 112 -2.13 -11.49 -38.54
C ALA A 112 -0.99 -11.12 -39.51
N GLU A 113 -0.56 -9.86 -39.46
CA GLU A 113 0.46 -9.38 -40.39
C GLU A 113 1.81 -10.06 -40.21
N LYS A 114 2.19 -10.29 -38.94
CA LYS A 114 3.43 -10.99 -38.64
C LYS A 114 3.46 -12.40 -39.19
N PHE A 115 2.39 -13.15 -38.96
CA PHE A 115 2.36 -14.56 -39.32
C PHE A 115 2.16 -14.77 -40.82
N GLU A 116 1.51 -13.83 -41.49
CA GLU A 116 1.49 -13.82 -42.95
C GLU A 116 2.90 -13.65 -43.53
N ARG A 117 3.67 -12.73 -42.97
CA ARG A 117 5.05 -12.54 -43.43
C ARG A 117 5.91 -13.76 -43.13
N GLU A 118 5.62 -14.46 -42.03
CA GLU A 118 6.30 -15.71 -41.75
C GLU A 118 5.92 -16.81 -42.75
N LYS A 119 4.63 -16.91 -43.09
CA LYS A 119 4.18 -17.90 -44.06
C LYS A 119 4.78 -17.67 -45.45
N ALA A 120 4.93 -16.39 -45.80
CA ALA A 120 5.51 -16.01 -47.08
C ALA A 120 6.99 -16.41 -47.15
N LYS A 121 7.67 -16.37 -46.01
CA LYS A 121 9.07 -16.78 -45.94
C LYS A 121 9.21 -18.29 -45.70
N GLY A 122 8.10 -19.01 -45.79
CA GLY A 122 8.11 -20.45 -45.71
C GLY A 122 8.22 -21.10 -44.34
N LEU A 123 7.86 -20.37 -43.29
CA LEU A 123 7.88 -20.93 -41.94
C LEU A 123 6.59 -21.67 -41.64
N LYS A 124 6.67 -22.66 -40.75
CA LYS A 124 5.49 -23.41 -40.35
C LYS A 124 4.61 -22.58 -39.43
N PRO A 125 3.30 -22.86 -39.42
CA PRO A 125 2.45 -22.18 -38.44
C PRO A 125 2.78 -22.65 -37.03
N ARG A 126 2.49 -21.83 -36.04
CA ARG A 126 2.79 -22.14 -34.65
C ARG A 126 1.83 -21.37 -33.75
N ALA A 127 1.66 -21.85 -32.53
CA ALA A 127 0.79 -21.18 -31.58
C ALA A 127 1.28 -19.75 -31.34
N ILE A 128 0.33 -18.82 -31.19
CA ILE A 128 0.61 -17.44 -30.83
C ILE A 128 0.96 -17.37 -29.34
N ARG A 129 2.00 -16.63 -29.01
CA ARG A 129 2.35 -16.42 -27.61
C ARG A 129 1.95 -15.04 -27.13
N ALA A 130 1.33 -14.99 -25.96
CA ALA A 130 0.77 -13.74 -25.43
C ALA A 130 1.07 -13.59 -23.95
N MET A 131 1.05 -12.36 -23.46
CA MET A 131 1.02 -12.12 -22.02
C MET A 131 0.08 -10.97 -21.71
N ILE A 132 -0.31 -10.90 -20.45
CA ILE A 132 -1.18 -9.83 -19.98
C ILE A 132 -0.37 -8.85 -19.14
N VAL A 133 -0.59 -7.54 -19.34
CA VAL A 133 0.09 -6.49 -18.58
C VAL A 133 -0.95 -5.49 -18.10
N GLY A 134 -0.73 -4.87 -16.94
CA GLY A 134 -1.62 -3.79 -16.54
C GLY A 134 -1.34 -3.37 -15.12
N ILE A 135 -2.03 -2.33 -14.66
CA ILE A 135 -1.88 -1.91 -13.28
C ILE A 135 -2.58 -2.88 -12.35
N PRO A 136 -2.34 -2.73 -11.03
CA PRO A 136 -3.00 -3.65 -10.10
C PRO A 136 -4.51 -3.49 -10.03
N ASN A 137 -5.17 -4.59 -9.70
CA ASN A 137 -6.60 -4.68 -9.40
C ASN A 137 -7.52 -4.53 -10.60
N VAL A 138 -6.98 -4.58 -11.81
CA VAL A 138 -7.85 -4.43 -12.98
C VAL A 138 -8.42 -5.76 -13.46
N GLY A 139 -7.97 -6.87 -12.89
CA GLY A 139 -8.56 -8.16 -13.19
C GLY A 139 -7.68 -9.14 -13.94
N LYS A 140 -6.37 -8.90 -13.90
CA LYS A 140 -5.44 -9.76 -14.64
C LYS A 140 -5.46 -11.22 -14.18
N SER A 141 -5.34 -11.45 -12.88
CA SER A 141 -5.33 -12.83 -12.37
C SER A 141 -6.69 -13.48 -12.54
N THR A 142 -7.76 -12.71 -12.40
CA THR A 142 -9.10 -13.23 -12.66
C THR A 142 -9.20 -13.73 -14.09
N LEU A 143 -8.74 -12.92 -15.04
CA LEU A 143 -8.81 -13.29 -16.45
C LEU A 143 -7.96 -14.51 -16.76
N ILE A 144 -6.75 -14.56 -16.24
CA ILE A 144 -5.85 -15.68 -16.51
C ILE A 144 -6.50 -16.98 -16.02
N ASN A 145 -7.01 -16.97 -14.80
CA ASN A 145 -7.66 -18.15 -14.25
C ASN A 145 -8.88 -18.57 -15.06
N LYS A 146 -9.67 -17.60 -15.48
CA LYS A 146 -10.84 -17.92 -16.32
C LYS A 146 -10.42 -18.55 -17.64
N LEU A 147 -9.43 -17.95 -18.30
CA LEU A 147 -8.95 -18.47 -19.59
C LEU A 147 -8.29 -19.85 -19.46
N ALA A 148 -7.64 -20.11 -18.33
CA ALA A 148 -7.04 -21.41 -18.08
C ALA A 148 -8.07 -22.47 -17.70
N LYS A 149 -9.24 -22.03 -17.23
CA LYS A 149 -10.27 -22.92 -16.71
C LYS A 149 -9.77 -23.66 -15.47
N ARG A 150 -9.02 -22.95 -14.64
CA ARG A 150 -8.49 -23.47 -13.40
C ARG A 150 -7.77 -22.36 -12.66
N SER A 151 -7.67 -22.48 -11.34
CA SER A 151 -6.98 -21.47 -10.54
C SER A 151 -5.46 -21.57 -10.70
N ILE A 152 -4.84 -20.49 -11.16
CA ILE A 152 -3.39 -20.41 -11.26
C ILE A 152 -2.79 -19.72 -10.05
N GLY A 156 5.26 -22.08 -6.35
CA GLY A 156 5.45 -23.26 -5.53
C GLY A 156 4.43 -23.32 -4.41
N ASN A 157 3.82 -24.47 -4.21
CA ASN A 157 2.79 -24.61 -3.18
C ASN A 157 3.44 -24.77 -1.81
N LYS A 158 4.54 -25.51 -1.76
CA LYS A 158 5.34 -25.63 -0.53
C LYS A 158 6.06 -24.32 -0.17
N PRO A 159 6.09 -23.98 1.13
CA PRO A 159 6.83 -22.78 1.51
C PRO A 159 8.28 -22.81 1.06
N GLY A 160 8.76 -21.69 0.53
CA GLY A 160 10.14 -21.58 0.10
C GLY A 160 10.41 -22.14 -1.28
N VAL A 161 9.37 -22.69 -1.92
CA VAL A 161 9.52 -23.22 -3.27
C VAL A 161 9.02 -22.19 -4.27
N THR A 162 9.86 -21.83 -5.23
CA THR A 162 9.57 -20.72 -6.15
C THR A 162 8.89 -21.21 -7.43
N LYS A 163 7.67 -20.73 -7.64
CA LYS A 163 6.89 -21.05 -8.84
C LYS A 163 7.60 -20.61 -10.12
N GLN A 164 7.60 -21.49 -11.13
CA GLN A 164 8.13 -21.11 -12.43
C GLN A 164 7.00 -20.66 -13.37
N GLN A 165 7.26 -19.60 -14.13
CA GLN A 165 6.30 -19.09 -15.11
C GLN A 165 6.04 -20.16 -16.17
N GLN A 166 4.76 -20.40 -16.47
CA GLN A 166 4.39 -21.41 -17.45
C GLN A 166 3.47 -20.88 -18.53
N TRP A 167 3.37 -21.62 -19.63
CA TRP A 167 2.41 -21.29 -20.69
C TRP A 167 1.09 -22.02 -20.49
N ILE A 168 -0.01 -21.31 -20.70
CA ILE A 168 -1.35 -21.91 -20.62
C ILE A 168 -1.91 -22.05 -22.03
N LYS A 169 -2.39 -23.24 -22.37
CA LYS A 169 -3.03 -23.43 -23.64
C LYS A 169 -4.43 -22.85 -23.60
N VAL A 170 -4.71 -21.90 -24.47
CA VAL A 170 -6.02 -21.28 -24.56
C VAL A 170 -6.57 -21.42 -25.96
N GLY A 171 -7.77 -22.01 -26.07
CA GLY A 171 -8.36 -22.33 -27.36
C GLY A 171 -7.42 -23.20 -28.17
N ASN A 172 -7.31 -22.90 -29.46
CA ASN A 172 -6.47 -23.69 -30.36
C ASN A 172 -5.15 -23.03 -30.74
N ALA A 173 -5.14 -21.70 -30.84
CA ALA A 173 -4.01 -21.03 -31.47
C ALA A 173 -3.18 -20.21 -30.49
N LEU A 174 -3.57 -20.22 -29.21
CA LEU A 174 -3.00 -19.30 -28.22
C LEU A 174 -2.27 -19.95 -27.05
N GLN A 175 -1.06 -19.48 -26.79
CA GLN A 175 -0.33 -19.87 -25.58
C GLN A 175 -0.17 -18.64 -24.68
N LEU A 176 -0.72 -18.70 -23.48
CA LEU A 176 -0.75 -17.52 -22.62
C LEU A 176 0.16 -17.69 -21.39
N LEU A 177 1.06 -16.74 -21.21
CA LEU A 177 1.91 -16.70 -20.02
C LEU A 177 1.04 -16.64 -18.76
N ASP A 178 1.28 -17.54 -17.82
CA ASP A 178 0.39 -17.70 -16.69
C ASP A 178 0.63 -16.64 -15.63
N THR A 179 1.56 -15.74 -15.91
CA THR A 179 1.95 -14.68 -14.98
C THR A 179 1.83 -13.30 -15.62
N PRO A 180 1.04 -12.40 -14.99
CA PRO A 180 0.89 -11.08 -15.61
C PRO A 180 2.10 -10.19 -15.36
N GLY A 181 2.24 -9.16 -16.17
CA GLY A 181 3.23 -8.13 -15.91
C GLY A 181 2.51 -7.03 -15.17
N ILE A 182 2.98 -6.72 -13.97
CA ILE A 182 2.30 -5.70 -13.15
C ILE A 182 3.07 -4.38 -13.20
N LEU A 183 2.40 -3.30 -13.62
CA LEU A 183 3.01 -1.99 -13.68
C LEU A 183 2.24 -1.02 -12.78
N TRP A 184 2.81 0.15 -12.55
CA TRP A 184 2.22 1.06 -11.56
C TRP A 184 1.15 1.94 -12.20
N PRO A 185 0.21 2.42 -11.38
CA PRO A 185 -0.78 3.36 -11.92
C PRO A 185 -0.23 4.77 -12.09
N LYS A 186 -1.00 5.62 -12.76
CA LYS A 186 -0.69 7.02 -12.88
C LYS A 186 -0.72 7.65 -11.49
N PHE A 187 0.31 8.41 -11.16
CA PHE A 187 0.48 8.98 -9.82
C PHE A 187 0.37 10.49 -9.81
N GLU A 188 0.71 11.12 -10.93
CA GLU A 188 1.03 12.54 -10.93
C GLU A 188 -0.16 13.50 -10.96
N ASP A 189 -1.34 13.01 -11.34
CA ASP A 189 -2.50 13.91 -11.49
C ASP A 189 -3.61 13.63 -10.47
N GLU A 190 -4.07 14.69 -9.80
CA GLU A 190 -5.01 14.53 -8.70
C GLU A 190 -6.39 14.02 -9.15
N GLU A 191 -6.88 14.49 -10.30
CA GLU A 191 -8.17 14.01 -10.77
C GLU A 191 -8.09 12.53 -11.11
N VAL A 192 -7.02 12.14 -11.77
CA VAL A 192 -6.81 10.72 -12.07
C VAL A 192 -6.74 9.90 -10.78
N GLY A 193 -6.11 10.47 -9.76
CA GLY A 193 -6.10 9.81 -8.46
C GLY A 193 -7.50 9.59 -7.93
N LYS A 194 -8.39 10.57 -8.11
CA LYS A 194 -9.75 10.42 -7.64
C LYS A 194 -10.47 9.31 -8.42
N LYS A 195 -10.27 9.29 -9.73
CA LYS A 195 -10.88 8.24 -10.57
C LYS A 195 -10.45 6.83 -10.15
N LEU A 196 -9.16 6.68 -9.93
CA LEU A 196 -8.63 5.39 -9.47
C LEU A 196 -9.18 4.98 -8.12
N SER A 197 -9.38 5.95 -7.22
CA SER A 197 -9.94 5.61 -5.92
C SER A 197 -11.42 5.23 -6.05
N LEU A 198 -12.17 5.96 -6.87
CA LEU A 198 -13.58 5.63 -7.07
C LEU A 198 -13.83 4.24 -7.67
N THR A 199 -12.87 3.72 -8.43
CA THR A 199 -13.03 2.41 -9.04
C THR A 199 -12.40 1.35 -8.15
N GLY A 200 -11.68 1.79 -7.12
CA GLY A 200 -10.99 0.87 -6.23
C GLY A 200 -9.67 0.31 -6.73
N ALA A 201 -9.07 0.90 -7.76
CA ALA A 201 -7.74 0.48 -8.23
C ALA A 201 -6.68 0.82 -7.19
N ILE A 202 -6.84 1.96 -6.53
CA ILE A 202 -5.99 2.36 -5.40
C ILE A 202 -6.84 2.58 -4.13
N LYS A 203 -6.78 1.65 -3.18
CA LYS A 203 -7.48 1.82 -1.91
C LYS A 203 -6.50 2.40 -0.90
N ASP A 204 -5.62 3.26 -1.39
CA ASP A 204 -4.56 3.82 -0.56
C ASP A 204 -4.65 5.33 -0.37
N SER A 205 -3.70 5.88 0.38
CA SER A 205 -3.76 7.26 0.89
C SER A 205 -3.39 8.37 -0.10
N ILE A 206 -2.98 9.51 0.46
CA ILE A 206 -2.55 10.69 -0.31
C ILE A 206 -3.66 11.37 -1.10
N VAL A 207 -4.71 10.63 -1.43
CA VAL A 207 -5.91 11.25 -2.00
C VAL A 207 -7.03 11.22 -0.95
N HIS A 208 -7.35 12.38 -0.39
CA HIS A 208 -8.28 12.45 0.73
C HIS A 208 -9.64 11.89 0.34
N LEU A 209 -10.13 10.96 1.16
CA LEU A 209 -11.36 10.28 0.84
C LEU A 209 -12.54 11.23 0.73
N ASP A 210 -12.61 12.25 1.58
CA ASP A 210 -13.72 13.19 1.47
C ASP A 210 -13.76 13.81 0.07
N GLU A 211 -12.60 14.15 -0.47
CA GLU A 211 -12.53 14.73 -1.81
C GLU A 211 -12.89 13.72 -2.89
N VAL A 212 -12.56 12.44 -2.67
CA VAL A 212 -12.99 11.40 -3.58
C VAL A 212 -14.50 11.27 -3.60
N ALA A 213 -15.13 11.31 -2.42
CA ALA A 213 -16.58 11.22 -2.34
C ALA A 213 -17.27 12.44 -2.96
N ILE A 214 -16.69 13.62 -2.76
CA ILE A 214 -17.21 14.84 -3.36
C ILE A 214 -17.13 14.73 -4.89
N TYR A 215 -16.00 14.25 -5.39
CA TYR A 215 -15.83 14.04 -6.83
C TYR A 215 -16.87 13.05 -7.38
N GLY A 216 -17.08 11.94 -6.66
CA GLY A 216 -18.03 10.94 -7.06
C GLY A 216 -19.47 11.44 -7.04
N LEU A 217 -19.84 12.14 -5.97
CA LEU A 217 -21.19 12.72 -5.90
C LEU A 217 -21.45 13.69 -7.04
N ASN A 218 -20.50 14.60 -7.26
CA ASN A 218 -20.64 15.56 -8.33
C ASN A 218 -20.74 14.88 -9.69
N PHE A 219 -19.95 13.83 -9.91
CA PHE A 219 -20.09 13.06 -11.13
C PHE A 219 -21.51 12.54 -11.29
N LEU A 220 -22.08 11.99 -10.21
CA LEU A 220 -23.42 11.40 -10.28
C LEU A 220 -24.50 12.49 -10.44
N ILE A 221 -24.30 13.62 -9.77
CA ILE A 221 -25.22 14.74 -9.91
C ILE A 221 -25.27 15.21 -11.35
N GLN A 222 -24.10 15.32 -11.97
CA GLN A 222 -24.01 15.75 -13.36
C GLN A 222 -24.50 14.70 -14.37
N ASN A 223 -24.27 13.41 -14.08
CA ASN A 223 -24.52 12.39 -15.09
C ASN A 223 -25.69 11.43 -14.89
N ASP A 224 -26.21 11.31 -13.67
CA ASP A 224 -27.28 10.33 -13.40
C ASP A 224 -28.07 10.75 -12.17
N LEU A 225 -28.50 12.01 -12.16
CA LEU A 225 -29.11 12.61 -10.98
C LEU A 225 -30.33 11.85 -10.42
N ALA A 226 -31.26 11.46 -11.29
CA ALA A 226 -32.46 10.75 -10.84
C ALA A 226 -32.12 9.43 -10.14
N ARG A 227 -31.19 8.67 -10.72
CA ARG A 227 -30.76 7.41 -10.13
C ARG A 227 -30.10 7.59 -8.77
N LEU A 228 -29.27 8.64 -8.63
CA LEU A 228 -28.65 8.95 -7.36
C LEU A 228 -29.70 9.23 -6.29
N LYS A 229 -30.68 10.05 -6.64
CA LYS A 229 -31.76 10.38 -5.71
C LYS A 229 -32.56 9.14 -5.29
N SER A 230 -33.03 8.39 -6.28
CA SER A 230 -33.81 7.18 -6.00
C SER A 230 -33.01 6.14 -5.22
N HIS A 231 -31.73 5.99 -5.51
CA HIS A 231 -30.91 5.05 -4.77
C HIS A 231 -30.87 5.33 -3.26
N TYR A 232 -30.65 6.58 -2.87
CA TYR A 232 -30.62 6.93 -1.44
C TYR A 232 -31.97 7.41 -0.91
N ASN A 233 -32.95 7.50 -1.80
CA ASN A 233 -34.29 7.96 -1.45
C ASN A 233 -34.22 9.35 -0.84
N ILE A 234 -33.61 10.26 -1.59
CA ILE A 234 -33.44 11.62 -1.11
C ILE A 234 -33.88 12.60 -2.18
N GLU A 235 -34.14 13.84 -1.78
CA GLU A 235 -34.44 14.87 -2.75
C GLU A 235 -33.73 16.08 -2.19
N VAL A 236 -32.99 16.79 -3.03
CA VAL A 236 -32.07 17.80 -2.54
C VAL A 236 -32.21 19.01 -3.42
N PRO A 237 -32.30 20.21 -2.83
CA PRO A 237 -32.42 21.41 -3.67
C PRO A 237 -31.29 21.53 -4.69
N GLU A 238 -31.61 21.93 -5.91
CA GLU A 238 -30.58 22.05 -6.94
C GLU A 238 -29.57 23.15 -6.62
N ASP A 239 -29.95 24.16 -5.82
CA ASP A 239 -28.96 25.17 -5.47
C ASP A 239 -28.21 24.92 -4.16
N ALA A 240 -28.41 23.75 -3.56
CA ALA A 240 -27.67 23.41 -2.34
C ALA A 240 -26.21 23.10 -2.68
N GLU A 241 -25.31 23.32 -1.73
CA GLU A 241 -23.91 22.96 -1.93
C GLU A 241 -23.74 21.49 -1.63
N ILE A 242 -22.57 20.95 -1.96
CA ILE A 242 -22.38 19.50 -1.90
C ILE A 242 -22.57 18.97 -0.49
N ILE A 243 -22.26 19.78 0.52
CA ILE A 243 -22.41 19.32 1.89
C ILE A 243 -23.83 18.85 2.17
N ALA A 244 -24.81 19.49 1.54
CA ALA A 244 -26.22 19.14 1.70
C ALA A 244 -26.52 17.71 1.25
N TRP A 245 -25.75 17.22 0.28
CA TRP A 245 -25.93 15.84 -0.18
C TRP A 245 -25.45 14.85 0.87
N PHE A 246 -24.28 15.12 1.42
CA PHE A 246 -23.75 14.33 2.54
C PHE A 246 -24.74 14.33 3.70
N ASP A 247 -25.26 15.52 4.06
CA ASP A 247 -26.19 15.61 5.18
C ASP A 247 -27.46 14.81 4.89
N ALA A 248 -27.97 14.90 3.67
CA ALA A 248 -29.21 14.22 3.32
C ALA A 248 -29.07 12.70 3.36
N ILE A 249 -28.00 12.19 2.77
CA ILE A 249 -27.74 10.75 2.81
C ILE A 249 -27.57 10.30 4.25
N GLY A 250 -26.70 10.98 4.99
CA GLY A 250 -26.43 10.69 6.39
C GLY A 250 -27.69 10.69 7.26
N LYS A 251 -28.54 11.70 7.07
CA LYS A 251 -29.82 11.77 7.76
C LYS A 251 -30.72 10.58 7.41
N LYS A 252 -30.86 10.29 6.12
CA LYS A 252 -31.76 9.22 5.67
C LYS A 252 -31.29 7.83 6.10
N ARG A 253 -29.97 7.64 6.20
CA ARG A 253 -29.41 6.35 6.58
C ARG A 253 -29.13 6.27 8.08
N GLY A 254 -29.42 7.34 8.80
CA GLY A 254 -29.23 7.36 10.24
C GLY A 254 -27.78 7.37 10.65
N LEU A 255 -26.90 7.78 9.75
CA LEU A 255 -25.49 7.87 10.09
C LEU A 255 -25.26 9.18 10.86
N ILE A 256 -25.58 9.14 12.13
CA ILE A 256 -25.51 10.31 12.99
C ILE A 256 -24.71 9.99 14.26
N ARG A 257 -24.23 11.05 14.91
CA ARG A 257 -23.41 10.93 16.10
C ARG A 257 -23.60 12.18 16.92
N ARG A 258 -23.40 12.09 18.23
CA ARG A 258 -23.60 13.23 19.13
C ARG A 258 -24.94 13.92 18.87
N GLY A 259 -26.03 13.17 19.06
CA GLY A 259 -27.36 13.72 18.90
C GLY A 259 -27.91 13.56 17.49
N ASN A 260 -27.72 14.58 16.66
CA ASN A 260 -28.14 14.51 15.26
C ASN A 260 -27.13 15.21 14.35
N GLU A 261 -25.87 15.20 14.76
CA GLU A 261 -24.80 15.65 13.88
C GLU A 261 -24.53 14.53 12.89
N ILE A 262 -23.96 14.89 11.73
CA ILE A 262 -23.68 13.90 10.70
C ILE A 262 -22.36 13.19 10.91
N ASP A 263 -22.41 11.86 10.83
CA ASP A 263 -21.20 11.06 10.82
C ASP A 263 -20.63 11.11 9.41
N TYR A 264 -19.80 12.10 9.13
CA TYR A 264 -19.30 12.29 7.77
C TYR A 264 -18.39 11.15 7.32
N GLU A 265 -17.54 10.66 8.22
CA GLU A 265 -16.70 9.52 7.92
C GLU A 265 -17.51 8.31 7.41
N ALA A 266 -18.65 8.06 8.04
CA ALA A 266 -19.50 6.95 7.65
C ALA A 266 -20.19 7.20 6.33
N VAL A 267 -20.67 8.43 6.14
CA VAL A 267 -21.31 8.77 4.88
C VAL A 267 -20.30 8.68 3.72
N ILE A 268 -19.10 9.23 3.94
CA ILE A 268 -18.04 9.16 2.95
C ILE A 268 -17.76 7.70 2.56
N GLU A 269 -17.59 6.85 3.57
CA GLU A 269 -17.32 5.43 3.28
C GLU A 269 -18.47 4.76 2.53
N LEU A 270 -19.71 5.11 2.85
CA LEU A 270 -20.87 4.55 2.16
C LEU A 270 -20.92 4.96 0.68
N ILE A 271 -20.70 6.25 0.41
CA ILE A 271 -20.73 6.75 -0.97
C ILE A 271 -19.63 6.06 -1.78
N ILE A 272 -18.42 6.02 -1.23
CA ILE A 272 -17.29 5.38 -1.91
C ILE A 272 -17.58 3.91 -2.17
N TYR A 273 -18.07 3.19 -1.16
CA TYR A 273 -18.41 1.77 -1.36
C TYR A 273 -19.45 1.59 -2.48
N ASP A 274 -20.49 2.42 -2.46
CA ASP A 274 -21.55 2.29 -3.45
C ASP A 274 -21.05 2.60 -4.87
N ILE A 275 -20.14 3.55 -5.01
CA ILE A 275 -19.65 3.84 -6.36
C ILE A 275 -18.68 2.74 -6.80
N ARG A 276 -17.78 2.34 -5.90
CA ARG A 276 -16.79 1.29 -6.20
C ARG A 276 -17.43 -0.02 -6.64
N ASN A 277 -18.55 -0.36 -6.04
CA ASN A 277 -19.16 -1.66 -6.28
C ASN A 277 -20.37 -1.60 -7.19
N ALA A 278 -20.49 -0.48 -7.91
CA ALA A 278 -21.54 -0.31 -8.92
C ALA A 278 -22.93 -0.52 -8.32
N LYS A 279 -23.13 -0.05 -7.09
CA LYS A 279 -24.43 -0.19 -6.42
C LYS A 279 -25.46 0.83 -6.91
N ILE A 280 -24.97 1.96 -7.44
CA ILE A 280 -25.85 3.00 -7.93
C ILE A 280 -26.07 2.84 -9.42
N GLY A 281 -25.00 2.56 -10.15
CA GLY A 281 -25.13 2.37 -11.58
C GLY A 281 -23.82 1.89 -12.18
N ASN A 282 -23.83 1.70 -13.49
CA ASN A 282 -22.65 1.25 -14.24
C ASN A 282 -22.08 2.41 -15.03
N TYR A 283 -21.02 3.00 -14.53
CA TYR A 283 -20.51 4.25 -15.12
C TYR A 283 -19.11 4.10 -15.66
N CYS A 284 -18.83 4.87 -16.72
CA CYS A 284 -17.47 5.12 -17.19
C CYS A 284 -17.04 6.53 -16.77
N PHE A 285 -16.04 6.63 -15.89
CA PHE A 285 -15.67 7.95 -15.35
C PHE A 285 -14.70 8.74 -16.22
N ASP A 286 -14.13 8.08 -17.22
CA ASP A 286 -13.32 8.74 -18.24
C ASP A 286 -14.26 9.24 -19.32
N ILE A 287 -14.62 10.51 -19.23
CA ILE A 287 -15.52 11.10 -20.21
C ILE A 287 -14.73 11.61 -21.40
N PHE A 288 -14.79 10.87 -22.51
CA PHE A 288 -13.90 11.14 -23.65
C PHE A 288 -13.92 12.61 -24.08
N LYS A 289 -15.10 13.19 -24.20
CA LYS A 289 -15.18 14.55 -24.73
C LYS A 289 -14.67 15.59 -23.73
N ASP A 290 -14.61 15.24 -22.45
CA ASP A 290 -14.06 16.14 -21.45
C ASP A 290 -12.54 16.00 -21.32
N MET A 291 -11.95 15.03 -22.02
CA MET A 291 -10.52 14.78 -21.82
C MET A 291 -9.68 15.20 -23.02
N THR A 292 -10.26 16.04 -23.87
CA THR A 292 -9.63 16.39 -25.13
C THR A 292 -8.23 16.99 -24.95
N GLU A 293 -8.07 17.92 -24.01
CA GLU A 293 -6.77 18.53 -23.76
C GLU A 293 -5.72 17.57 -23.22
N GLU A 294 -6.11 16.73 -22.26
CA GLU A 294 -5.22 15.72 -21.71
C GLU A 294 -4.70 14.77 -22.79
N LEU A 295 -5.61 14.33 -23.64
CA LEU A 295 -5.26 13.43 -24.75
C LEU A 295 -4.25 14.07 -25.70
N ALA A 296 -4.47 15.34 -26.06
CA ALA A 296 -3.56 16.08 -26.95
C ALA A 296 -2.17 16.21 -26.31
N ASN A 297 -2.13 16.52 -25.02
CA ASN A 297 -0.88 16.62 -24.29
C ASN A 297 -0.08 15.33 -24.33
N ASP A 298 -0.80 14.22 -24.17
CA ASP A 298 -0.18 12.89 -24.16
C ASP A 298 0.25 12.36 -25.53
N ALA A 299 -0.40 12.81 -26.59
CA ALA A 299 -0.32 12.18 -27.90
C ALA A 299 1.06 12.17 -28.56
N ASN A 300 1.73 13.32 -28.63
CA ASN A 300 2.99 13.41 -29.34
C ASN A 300 4.06 12.47 -28.78
N VAL B 9 -2.47 3.00 5.10
CA VAL B 9 -1.53 2.57 4.07
C VAL B 9 -1.09 3.76 3.23
N ILE B 10 0.20 3.83 2.93
CA ILE B 10 0.76 4.96 2.18
C ILE B 10 1.50 4.51 0.93
N GLN B 11 1.18 5.13 -0.19
CA GLN B 11 1.78 4.74 -1.44
C GLN B 11 2.99 5.60 -1.78
N TRP B 12 4.18 5.01 -1.73
CA TRP B 12 5.38 5.77 -2.05
C TRP B 12 5.64 5.73 -3.55
N TYR B 13 6.11 6.85 -4.07
CA TYR B 13 6.64 6.96 -5.41
C TYR B 13 7.57 8.15 -5.32
N PRO B 14 8.57 8.21 -6.22
CA PRO B 14 9.70 9.14 -6.11
C PRO B 14 9.27 10.55 -5.72
N GLY B 15 8.21 11.06 -6.35
CA GLY B 15 7.71 12.39 -6.05
C GLY B 15 7.18 12.53 -4.63
N HIS B 16 6.41 11.54 -4.18
CA HIS B 16 5.83 11.57 -2.85
C HIS B 16 6.93 11.51 -1.78
N MET B 17 7.98 10.75 -2.05
CA MET B 17 9.12 10.69 -1.12
C MET B 17 9.76 12.08 -1.02
N ALA B 18 9.99 12.70 -2.18
CA ALA B 18 10.54 14.05 -2.23
C ALA B 18 9.65 15.05 -1.50
N LYS B 19 8.32 14.89 -1.63
CA LYS B 19 7.37 15.76 -0.95
C LYS B 19 7.44 15.61 0.57
N ALA B 20 7.44 14.36 1.03
CA ALA B 20 7.49 14.06 2.44
C ALA B 20 8.76 14.63 3.08
N LYS B 21 9.89 14.46 2.40
CA LYS B 21 11.16 14.89 2.94
C LYS B 21 11.16 16.41 3.11
N ARG B 22 10.69 17.10 2.06
CA ARG B 22 10.59 18.55 2.05
C ARG B 22 9.69 19.05 3.16
N GLU B 23 8.49 18.48 3.24
CA GLU B 23 7.51 18.92 4.23
C GLU B 23 7.95 18.67 5.68
N VAL B 24 8.59 17.53 5.91
CA VAL B 24 9.05 17.23 7.27
C VAL B 24 10.18 18.16 7.71
N SER B 25 11.16 18.38 6.84
CA SER B 25 12.18 19.41 7.10
C SER B 25 11.54 20.75 7.44
N GLU B 26 10.47 21.10 6.75
CA GLU B 26 9.75 22.34 7.01
C GLU B 26 9.11 22.38 8.41
N GLN B 27 8.45 21.29 8.81
CA GLN B 27 7.84 21.24 10.13
C GLN B 27 8.93 21.34 11.19
N LEU B 28 10.09 20.75 10.89
CA LEU B 28 11.18 20.68 11.86
C LEU B 28 11.75 22.05 12.22
N LYS B 29 11.65 22.99 11.28
CA LYS B 29 12.06 24.37 11.55
C LYS B 29 11.27 24.98 12.70
N LYS B 30 10.06 24.49 12.93
CA LYS B 30 9.23 25.05 13.98
C LYS B 30 9.56 24.54 15.38
N VAL B 31 10.43 23.54 15.49
CA VAL B 31 10.60 22.88 16.79
C VAL B 31 12.01 22.95 17.36
N ASP B 32 12.11 22.77 18.66
CA ASP B 32 13.38 22.74 19.39
C ASP B 32 13.95 21.33 19.46
N VAL B 33 13.05 20.35 19.43
CA VAL B 33 13.42 18.96 19.61
C VAL B 33 12.53 18.07 18.75
N VAL B 34 13.11 17.01 18.20
CA VAL B 34 12.35 16.03 17.42
C VAL B 34 12.30 14.72 18.22
N PHE B 35 11.11 14.13 18.24
CA PHE B 35 10.91 12.78 18.76
C PHE B 35 10.90 11.83 17.57
N GLU B 36 11.99 11.09 17.41
CA GLU B 36 12.05 10.04 16.36
C GLU B 36 11.43 8.81 16.96
N LEU B 37 10.29 8.39 16.40
CA LEU B 37 9.53 7.31 16.99
C LEU B 37 9.84 6.03 16.23
N VAL B 38 10.33 5.02 16.95
CA VAL B 38 10.65 3.74 16.33
C VAL B 38 9.89 2.62 17.03
N ASP B 39 9.84 1.45 16.39
CA ASP B 39 9.18 0.28 16.95
C ASP B 39 10.19 -0.44 17.83
N ALA B 40 9.87 -0.61 19.12
CA ALA B 40 10.78 -1.30 20.07
C ALA B 40 11.13 -2.72 19.63
N ARG B 41 10.27 -3.34 18.82
CA ARG B 41 10.59 -4.68 18.30
C ARG B 41 11.69 -4.67 17.23
N ILE B 42 11.93 -3.50 16.62
CA ILE B 42 13.01 -3.36 15.64
C ILE B 42 13.49 -1.91 15.66
N PRO B 43 14.21 -1.52 16.73
CA PRO B 43 14.52 -0.11 16.91
C PRO B 43 15.42 0.48 15.82
N TYR B 44 16.15 -0.36 15.11
CA TYR B 44 17.02 0.10 14.04
C TYR B 44 16.35 -0.08 12.67
N SER B 45 15.70 -1.22 12.47
CA SER B 45 15.12 -1.53 11.14
C SER B 45 13.83 -0.74 10.84
N SER B 46 13.23 -0.11 11.86
CA SER B 46 12.03 0.69 11.68
C SER B 46 12.36 2.19 11.55
N ARG B 47 13.63 2.51 11.31
CA ARG B 47 14.01 3.91 11.09
C ARG B 47 13.93 4.27 9.59
N ASN B 48 13.59 5.51 9.27
CA ASN B 48 13.71 5.98 7.88
C ASN B 48 15.18 6.02 7.47
N PRO B 49 15.51 5.55 6.25
CA PRO B 49 16.93 5.48 5.89
C PRO B 49 17.63 6.83 5.73
N MET B 50 16.89 7.92 5.58
CA MET B 50 17.54 9.23 5.51
C MET B 50 17.24 10.07 6.74
N ILE B 51 16.94 9.42 7.85
CA ILE B 51 16.44 10.17 9.00
C ILE B 51 17.46 11.19 9.52
N ASP B 52 18.74 10.84 9.49
CA ASP B 52 19.75 11.75 10.03
C ASP B 52 19.96 12.96 9.10
N GLU B 53 19.78 12.76 7.80
CA GLU B 53 19.84 13.89 6.88
C GLU B 53 18.64 14.81 7.10
N VAL B 54 17.46 14.23 7.31
CA VAL B 54 16.26 15.01 7.55
C VAL B 54 16.34 15.76 8.90
N ILE B 55 16.78 15.09 9.95
CA ILE B 55 16.82 15.72 11.27
C ILE B 55 17.99 16.71 11.43
N ASN B 56 19.11 16.42 10.78
CA ASN B 56 20.24 17.36 10.70
C ASN B 56 20.68 17.90 12.07
N GLN B 57 20.88 17.00 13.02
CA GLN B 57 21.44 17.33 14.33
C GLN B 57 20.54 18.16 15.24
N LYS B 58 19.26 18.29 14.90
CA LYS B 58 18.27 18.77 15.86
C LYS B 58 18.32 17.89 17.11
N PRO B 59 18.19 18.50 18.30
CA PRO B 59 18.12 17.70 19.53
C PRO B 59 17.09 16.58 19.40
N ARG B 60 17.41 15.37 19.86
CA ARG B 60 16.58 14.21 19.48
C ARG B 60 16.25 13.30 20.65
N VAL B 61 14.95 13.07 20.85
CA VAL B 61 14.51 11.99 21.73
C VAL B 61 14.15 10.84 20.81
N VAL B 62 14.74 9.66 21.04
CA VAL B 62 14.31 8.46 20.30
C VAL B 62 13.36 7.67 21.20
N ILE B 63 12.13 7.50 20.71
CA ILE B 63 11.07 6.84 21.46
C ILE B 63 10.88 5.45 20.92
N LEU B 64 11.24 4.44 21.73
CA LEU B 64 11.05 3.03 21.36
C LEU B 64 9.64 2.68 21.84
N ASN B 65 8.69 2.74 20.91
CA ASN B 65 7.29 2.51 21.22
C ASN B 65 6.93 1.02 21.10
N LYS B 66 5.77 0.63 21.62
CA LYS B 66 5.37 -0.78 21.68
C LYS B 66 6.34 -1.62 22.52
N LYS B 67 6.84 -1.04 23.60
CA LYS B 67 7.78 -1.74 24.48
C LYS B 67 7.12 -3.00 25.04
N ASP B 68 5.80 -2.97 25.15
CA ASP B 68 5.04 -4.09 25.71
C ASP B 68 5.13 -5.35 24.84
N MET B 69 5.50 -5.17 23.57
CA MET B 69 5.57 -6.28 22.61
C MET B 69 7.01 -6.71 22.30
N SER B 70 7.96 -6.15 23.01
CA SER B 70 9.37 -6.38 22.74
C SER B 70 10.15 -6.96 23.90
N ASN B 71 11.45 -7.15 23.71
CA ASN B 71 12.32 -7.71 24.70
C ASN B 71 13.20 -6.62 25.28
N LEU B 72 13.11 -6.41 26.58
CA LEU B 72 13.81 -5.35 27.25
C LEU B 72 15.31 -5.38 27.19
N ASN B 73 15.87 -6.56 27.33
CA ASN B 73 17.30 -6.72 27.28
C ASN B 73 17.85 -6.29 25.93
N GLU B 74 17.23 -6.72 24.86
CA GLU B 74 17.67 -6.32 23.52
C GLU B 74 17.45 -4.83 23.31
N MET B 75 16.34 -4.33 23.79
CA MET B 75 16.06 -2.91 23.65
C MET B 75 17.12 -2.11 24.35
N SER B 76 17.57 -2.58 25.50
CA SER B 76 18.59 -1.81 26.20
C SER B 76 19.88 -1.69 25.37
N LYS B 77 20.19 -2.69 24.53
CA LYS B 77 21.36 -2.56 23.68
C LYS B 77 21.19 -1.45 22.65
N TRP B 78 19.99 -1.37 22.07
CA TRP B 78 19.67 -0.27 21.16
C TRP B 78 19.66 1.08 21.86
N GLU B 79 19.17 1.11 23.10
CA GLU B 79 19.23 2.35 23.85
C GLU B 79 20.68 2.83 24.03
N GLN B 80 21.59 1.90 24.33
CA GLN B 80 23.01 2.25 24.46
C GLN B 80 23.50 2.83 23.15
N PHE B 81 23.13 2.18 22.05
CA PHE B 81 23.49 2.68 20.72
C PHE B 81 23.01 4.13 20.51
N PHE B 82 21.74 4.40 20.79
CA PHE B 82 21.20 5.73 20.65
C PHE B 82 21.89 6.73 21.59
N ILE B 83 22.18 6.31 22.83
CA ILE B 83 22.94 7.15 23.76
C ILE B 83 24.29 7.55 23.16
N ASP B 84 24.99 6.57 22.62
CA ASP B 84 26.33 6.78 22.04
C ASP B 84 26.30 7.76 20.86
N LYS B 85 25.18 7.82 20.14
CA LYS B 85 24.99 8.77 19.04
C LYS B 85 24.65 10.18 19.50
N GLY B 86 24.39 10.33 20.79
CA GLY B 86 24.06 11.64 21.33
C GLY B 86 22.57 11.92 21.42
N TYR B 87 21.76 10.87 21.29
CA TYR B 87 20.31 11.03 21.42
C TYR B 87 19.85 10.63 22.81
N TYR B 88 18.59 10.90 23.11
CA TYR B 88 17.97 10.56 24.39
C TYR B 88 16.87 9.51 24.20
N PRO B 89 17.22 8.23 24.34
CA PRO B 89 16.22 7.18 24.14
C PRO B 89 15.34 6.94 25.34
N VAL B 90 14.07 6.72 25.08
CA VAL B 90 13.11 6.31 26.11
C VAL B 90 12.22 5.26 25.52
N SER B 91 11.69 4.35 26.35
CA SER B 91 10.74 3.38 25.80
C SER B 91 9.37 3.62 26.41
N VAL B 92 8.33 3.41 25.62
CA VAL B 92 6.97 3.62 26.11
C VAL B 92 6.03 2.60 25.51
N ASP B 93 4.86 2.48 26.13
CA ASP B 93 3.71 1.79 25.55
C ASP B 93 2.65 2.85 25.29
N ALA B 94 2.53 3.32 24.06
CA ALA B 94 1.63 4.44 23.79
C ALA B 94 0.17 4.01 23.88
N LYS B 95 -0.08 2.73 23.67
CA LYS B 95 -1.47 2.25 23.65
C LYS B 95 -2.03 2.15 25.06
N HIS B 96 -1.29 1.53 25.97
CA HIS B 96 -1.79 1.29 27.31
C HIS B 96 -1.31 2.35 28.31
N GLY B 97 -0.56 3.33 27.82
CA GLY B 97 -0.26 4.52 28.59
C GLY B 97 0.78 4.29 29.67
N LYS B 98 1.82 3.52 29.33
CA LYS B 98 2.89 3.20 30.27
C LYS B 98 4.19 3.98 29.98
N ASN B 99 4.60 4.77 30.97
CA ASN B 99 5.87 5.51 30.96
C ASN B 99 5.83 6.82 30.16
N LEU B 100 4.65 7.42 30.00
CA LEU B 100 4.49 8.57 29.11
C LEU B 100 5.08 9.86 29.66
N LYS B 101 5.27 9.95 30.98
CA LYS B 101 5.85 11.14 31.61
C LYS B 101 7.32 11.33 31.25
N LYS B 102 7.96 10.23 30.87
CA LYS B 102 9.35 10.22 30.47
C LYS B 102 9.60 11.00 29.19
N VAL B 103 8.55 11.22 28.39
CA VAL B 103 8.72 11.93 27.13
C VAL B 103 9.12 13.39 27.38
N GLU B 104 8.31 14.11 28.17
CA GLU B 104 8.63 15.52 28.48
C GLU B 104 9.97 15.64 29.18
N ALA B 105 10.24 14.71 30.09
CA ALA B 105 11.49 14.72 30.81
C ALA B 105 12.68 14.60 29.85
N ALA B 106 12.56 13.73 28.85
CA ALA B 106 13.62 13.57 27.86
C ALA B 106 13.76 14.82 27.01
N ALA B 107 12.64 15.45 26.68
CA ALA B 107 12.65 16.67 25.87
C ALA B 107 13.39 17.78 26.60
N ILE B 108 13.14 17.87 27.91
CA ILE B 108 13.83 18.85 28.74
C ILE B 108 15.35 18.62 28.73
N LYS B 109 15.78 17.36 28.93
CA LYS B 109 17.21 17.08 28.92
C LYS B 109 17.84 17.35 27.55
N ALA B 110 17.11 16.99 26.50
CA ALA B 110 17.64 17.08 25.14
C ALA B 110 17.88 18.52 24.73
N THR B 111 17.09 19.43 25.30
CA THR B 111 17.16 20.83 24.94
C THR B 111 17.79 21.68 26.05
N ALA B 112 18.34 21.02 27.07
CA ALA B 112 18.85 21.76 28.23
C ALA B 112 19.90 22.77 27.81
N GLU B 113 20.82 22.34 26.96
CA GLU B 113 21.94 23.17 26.56
C GLU B 113 21.48 24.38 25.74
N LYS B 114 20.49 24.18 24.88
CA LYS B 114 19.96 25.27 24.07
C LYS B 114 19.34 26.36 24.95
N PHE B 115 18.54 25.97 25.92
CA PHE B 115 17.82 26.95 26.74
C PHE B 115 18.74 27.63 27.76
N GLU B 116 19.80 26.96 28.17
CA GLU B 116 20.86 27.59 28.95
C GLU B 116 21.50 28.73 28.16
N ARG B 117 21.83 28.47 26.91
CA ARG B 117 22.42 29.50 26.05
C ARG B 117 21.44 30.64 25.76
N GLU B 118 20.15 30.32 25.68
CA GLU B 118 19.12 31.36 25.56
C GLU B 118 19.01 32.19 26.84
N LYS B 119 19.06 31.52 28.00
CA LYS B 119 19.00 32.22 29.29
C LYS B 119 20.20 33.14 29.49
N ALA B 120 21.37 32.69 29.05
CA ALA B 120 22.59 33.49 29.14
C ALA B 120 22.54 34.73 28.25
N LYS B 121 21.85 34.61 27.11
CA LYS B 121 21.67 35.75 26.23
C LYS B 121 20.44 36.57 26.62
N GLY B 122 19.88 36.28 27.79
CA GLY B 122 18.82 37.10 28.35
C GLY B 122 17.41 36.92 27.81
N LEU B 123 17.12 35.78 27.20
CA LEU B 123 15.77 35.54 26.71
C LEU B 123 14.92 34.97 27.84
N LYS B 124 13.62 35.20 27.78
CA LYS B 124 12.72 34.66 28.79
C LYS B 124 12.53 33.16 28.58
N PRO B 125 12.22 32.44 29.66
CA PRO B 125 11.90 31.02 29.51
C PRO B 125 10.63 30.83 28.69
N ARG B 126 10.50 29.67 28.06
CA ARG B 126 9.35 29.42 27.21
C ARG B 126 9.13 27.92 27.04
N ALA B 127 7.93 27.53 26.65
CA ALA B 127 7.63 26.12 26.38
C ALA B 127 8.53 25.55 25.29
N ILE B 128 8.93 24.30 25.46
CA ILE B 128 9.68 23.56 24.44
C ILE B 128 8.74 23.20 23.29
N ARG B 129 9.18 23.39 22.07
CA ARG B 129 8.39 22.96 20.93
C ARG B 129 8.94 21.65 20.35
N ALA B 130 8.05 20.70 20.11
CA ALA B 130 8.45 19.35 19.67
C ALA B 130 7.55 18.83 18.56
N MET B 131 8.06 17.89 17.78
CA MET B 131 7.21 17.12 16.88
C MET B 131 7.67 15.68 16.84
N ILE B 132 6.78 14.82 16.35
CA ILE B 132 7.07 13.40 16.21
C ILE B 132 7.29 13.07 14.74
N VAL B 133 8.31 12.26 14.44
CA VAL B 133 8.60 11.84 13.06
C VAL B 133 8.86 10.34 13.04
N GLY B 134 8.49 9.64 11.97
CA GLY B 134 8.84 8.23 11.91
C GLY B 134 8.16 7.58 10.74
N ILE B 135 8.46 6.30 10.51
CA ILE B 135 7.82 5.55 9.43
C ILE B 135 6.37 5.22 9.78
N PRO B 136 5.58 4.77 8.80
CA PRO B 136 4.18 4.47 9.12
C PRO B 136 4.00 3.28 10.09
N ASN B 137 2.90 3.32 10.84
CA ASN B 137 2.43 2.25 11.73
C ASN B 137 3.24 1.99 13.01
N VAL B 138 4.15 2.89 13.35
CA VAL B 138 4.94 2.69 14.56
C VAL B 138 4.25 3.26 15.80
N GLY B 139 3.16 4.00 15.60
CA GLY B 139 2.38 4.48 16.73
C GLY B 139 2.33 6.00 16.94
N LYS B 140 2.63 6.76 15.89
CA LYS B 140 2.71 8.22 16.03
C LYS B 140 1.39 8.86 16.44
N SER B 141 0.31 8.53 15.73
CA SER B 141 -0.99 9.13 16.03
C SER B 141 -1.51 8.64 17.37
N THR B 142 -1.21 7.38 17.72
CA THR B 142 -1.56 6.85 19.04
C THR B 142 -0.88 7.64 20.17
N LEU B 143 0.41 7.89 20.04
CA LEU B 143 1.16 8.64 21.03
C LEU B 143 0.65 10.07 21.16
N ILE B 144 0.42 10.71 20.01
CA ILE B 144 -0.06 12.09 20.02
C ILE B 144 -1.39 12.18 20.75
N ASN B 145 -2.32 11.30 20.41
CA ASN B 145 -3.62 11.30 21.07
C ASN B 145 -3.49 11.01 22.56
N LYS B 146 -2.63 10.09 22.93
CA LYS B 146 -2.43 9.78 24.35
C LYS B 146 -1.87 10.98 25.11
N LEU B 147 -0.85 11.64 24.55
CA LEU B 147 -0.25 12.81 25.19
C LEU B 147 -1.23 13.99 25.24
N ALA B 148 -2.09 14.08 24.23
CA ALA B 148 -3.12 15.11 24.17
C ALA B 148 -4.29 14.82 25.11
N LYS B 149 -4.44 13.55 25.48
CA LYS B 149 -5.57 13.11 26.30
C LYS B 149 -6.91 13.31 25.58
N ARG B 150 -6.91 13.09 24.27
CA ARG B 150 -8.10 13.22 23.44
C ARG B 150 -7.79 12.81 22.00
N SER B 151 -8.81 12.42 21.24
CA SER B 151 -8.61 12.03 19.85
C SER B 151 -8.34 13.23 18.93
N ILE B 152 -7.18 13.20 18.28
CA ILE B 152 -6.83 14.22 17.29
C ILE B 152 -7.15 13.73 15.87
N GLY B 156 -10.30 18.92 9.35
CA GLY B 156 -11.65 19.42 9.21
C GLY B 156 -12.65 18.28 9.17
N ASN B 157 -13.74 18.42 9.93
CA ASN B 157 -14.74 17.37 9.99
C ASN B 157 -15.66 17.43 8.78
N LYS B 158 -15.98 18.65 8.33
CA LYS B 158 -16.78 18.83 7.12
C LYS B 158 -16.01 18.33 5.90
N PRO B 159 -16.70 17.60 5.01
CA PRO B 159 -16.01 17.21 3.78
C PRO B 159 -15.48 18.43 3.03
N GLY B 160 -14.25 18.34 2.55
CA GLY B 160 -13.62 19.41 1.79
C GLY B 160 -13.02 20.51 2.66
N VAL B 161 -13.17 20.37 3.97
CA VAL B 161 -12.60 21.34 4.91
C VAL B 161 -11.31 20.81 5.53
N THR B 162 -10.22 21.58 5.38
CA THR B 162 -8.89 21.12 5.82
C THR B 162 -8.45 21.64 7.20
N LYS B 163 -8.21 20.72 8.11
CA LYS B 163 -7.66 21.01 9.44
C LYS B 163 -6.27 21.65 9.34
N GLN B 164 -6.04 22.68 10.15
CA GLN B 164 -4.70 23.27 10.23
C GLN B 164 -3.91 22.62 11.36
N GLN B 165 -2.62 22.43 11.14
CA GLN B 165 -1.73 21.88 12.17
C GLN B 165 -1.74 22.80 13.38
N GLN B 166 -1.91 22.22 14.57
CA GLN B 166 -1.98 22.99 15.80
C GLN B 166 -0.99 22.49 16.84
N TRP B 167 -0.73 23.31 17.85
CA TRP B 167 0.09 22.89 18.97
C TRP B 167 -0.75 22.28 20.09
N ILE B 168 -0.24 21.20 20.68
CA ILE B 168 -0.87 20.54 21.82
C ILE B 168 -0.08 20.82 23.08
N LYS B 169 -0.77 21.30 24.12
CA LYS B 169 -0.09 21.49 25.39
C LYS B 169 0.08 20.15 26.09
N VAL B 170 1.33 19.79 26.36
CA VAL B 170 1.64 18.54 27.03
C VAL B 170 2.48 18.81 28.29
N GLY B 171 2.00 18.32 29.43
CA GLY B 171 2.66 18.58 30.70
C GLY B 171 2.79 20.06 31.02
N ASN B 172 3.96 20.45 31.54
CA ASN B 172 4.16 21.83 31.96
C ASN B 172 4.95 22.66 30.96
N ALA B 173 5.93 22.03 30.33
CA ALA B 173 6.93 22.76 29.57
C ALA B 173 6.88 22.48 28.07
N LEU B 174 5.94 21.64 27.65
CA LEU B 174 5.98 21.08 26.30
C LEU B 174 4.83 21.46 25.38
N GLN B 175 5.18 21.94 24.19
CA GLN B 175 4.19 22.16 23.14
C GLN B 175 4.47 21.22 21.97
N LEU B 176 3.50 20.35 21.69
CA LEU B 176 3.70 19.29 20.69
C LEU B 176 2.84 19.50 19.44
N LEU B 177 3.49 19.53 18.28
CA LEU B 177 2.75 19.62 17.01
C LEU B 177 1.78 18.45 16.87
N ASP B 178 0.50 18.73 16.58
CA ASP B 178 -0.52 17.68 16.63
C ASP B 178 -0.50 16.79 15.39
N THR B 179 0.44 17.06 14.50
CA THR B 179 0.58 16.32 13.26
C THR B 179 2.00 15.74 13.10
N PRO B 180 2.11 14.42 12.88
CA PRO B 180 3.44 13.83 12.73
C PRO B 180 4.08 14.05 11.35
N GLY B 181 5.39 13.87 11.29
CA GLY B 181 6.09 13.87 10.03
C GLY B 181 6.20 12.41 9.62
N ILE B 182 5.68 12.08 8.45
CA ILE B 182 5.71 10.68 8.02
C ILE B 182 6.76 10.46 6.95
N LEU B 183 7.68 9.52 7.20
CA LEU B 183 8.73 9.22 6.25
C LEU B 183 8.64 7.75 5.86
N TRP B 184 9.37 7.38 4.83
CA TRP B 184 9.26 6.03 4.28
C TRP B 184 10.17 5.06 5.02
N PRO B 185 9.80 3.76 5.02
CA PRO B 185 10.68 2.74 5.63
C PRO B 185 11.86 2.38 4.73
N LYS B 186 12.80 1.62 5.28
CA LYS B 186 13.91 1.10 4.53
C LYS B 186 13.35 0.14 3.47
N PHE B 187 13.77 0.29 2.24
CA PHE B 187 13.22 -0.49 1.14
C PHE B 187 14.20 -1.49 0.57
N GLU B 188 15.48 -1.13 0.67
CA GLU B 188 16.50 -1.71 -0.18
C GLU B 188 16.97 -3.11 0.25
N ASP B 189 16.74 -3.49 1.49
CA ASP B 189 17.31 -4.74 2.01
C ASP B 189 16.23 -5.77 2.31
N GLU B 190 16.42 -6.99 1.79
CA GLU B 190 15.41 -8.03 1.90
C GLU B 190 15.20 -8.47 3.35
N GLU B 191 16.27 -8.56 4.15
CA GLU B 191 16.06 -8.95 5.54
C GLU B 191 15.28 -7.89 6.29
N VAL B 192 15.62 -6.63 6.09
CA VAL B 192 14.87 -5.55 6.74
C VAL B 192 13.41 -5.64 6.32
N GLY B 193 13.18 -5.97 5.05
CA GLY B 193 11.83 -6.15 4.57
C GLY B 193 11.06 -7.21 5.33
N LYS B 194 11.73 -8.33 5.61
CA LYS B 194 11.09 -9.40 6.37
C LYS B 194 10.78 -8.97 7.79
N LYS B 195 11.72 -8.25 8.40
CA LYS B 195 11.54 -7.72 9.74
C LYS B 195 10.34 -6.76 9.80
N LEU B 196 10.26 -5.86 8.82
CA LEU B 196 9.12 -4.94 8.74
C LEU B 196 7.81 -5.67 8.53
N SER B 197 7.80 -6.76 7.77
CA SER B 197 6.58 -7.52 7.58
C SER B 197 6.20 -8.30 8.85
N LEU B 198 7.20 -8.84 9.55
CA LEU B 198 6.94 -9.56 10.80
C LEU B 198 6.32 -8.68 11.90
N THR B 199 6.59 -7.39 11.85
CA THR B 199 6.06 -6.50 12.86
C THR B 199 4.76 -5.85 12.39
N GLY B 200 4.42 -6.06 11.12
CA GLY B 200 3.24 -5.47 10.53
C GLY B 200 3.39 -4.01 10.14
N ALA B 201 4.62 -3.51 10.12
CA ALA B 201 4.87 -2.13 9.69
C ALA B 201 4.58 -1.97 8.21
N ILE B 202 4.93 -2.99 7.43
CA ILE B 202 4.57 -3.10 6.03
C ILE B 202 3.76 -4.38 5.81
N LYS B 203 2.46 -4.23 5.60
CA LYS B 203 1.62 -5.37 5.26
C LYS B 203 1.46 -5.42 3.75
N ASP B 204 2.55 -5.12 3.06
CA ASP B 204 2.53 -4.97 1.62
C ASP B 204 3.29 -6.08 0.91
N SER B 205 3.23 -6.06 -0.42
CA SER B 205 3.75 -7.15 -1.25
C SER B 205 5.26 -7.04 -1.48
N ILE B 206 5.72 -7.73 -2.52
CA ILE B 206 7.11 -7.68 -3.00
C ILE B 206 8.07 -8.17 -1.89
N VAL B 207 7.53 -9.02 -1.02
CA VAL B 207 8.31 -9.78 -0.07
C VAL B 207 7.40 -10.96 0.26
N HIS B 208 7.76 -12.12 -0.27
CA HIS B 208 6.87 -13.27 -0.28
C HIS B 208 6.50 -13.71 1.14
N LEU B 209 5.20 -13.85 1.40
CA LEU B 209 4.77 -14.17 2.75
C LEU B 209 5.35 -15.48 3.28
N ASP B 210 5.46 -16.49 2.42
CA ASP B 210 6.04 -17.76 2.86
C ASP B 210 7.46 -17.53 3.40
N GLU B 211 8.24 -16.70 2.71
CA GLU B 211 9.59 -16.39 3.15
C GLU B 211 9.62 -15.56 4.45
N VAL B 212 8.61 -14.71 4.65
CA VAL B 212 8.46 -13.98 5.90
C VAL B 212 8.22 -14.95 7.05
N ALA B 213 7.33 -15.93 6.81
CA ALA B 213 7.02 -16.93 7.83
C ALA B 213 8.22 -17.83 8.10
N ILE B 214 8.98 -18.19 7.07
CA ILE B 214 10.20 -18.98 7.27
C ILE B 214 11.20 -18.22 8.12
N TYR B 215 11.37 -16.93 7.79
CA TYR B 215 12.24 -16.06 8.56
C TYR B 215 11.80 -15.98 10.02
N GLY B 216 10.49 -15.85 10.24
CA GLY B 216 9.95 -15.79 11.59
C GLY B 216 10.17 -17.09 12.36
N LEU B 217 9.87 -18.22 11.72
CA LEU B 217 10.09 -19.52 12.37
C LEU B 217 11.54 -19.72 12.73
N ASN B 218 12.44 -19.42 11.78
CA ASN B 218 13.87 -19.59 12.06
C ASN B 218 14.33 -18.70 13.19
N PHE B 219 13.81 -17.46 13.24
CA PHE B 219 14.11 -16.58 14.37
C PHE B 219 13.71 -17.24 15.69
N LEU B 220 12.50 -17.82 15.73
CA LEU B 220 11.99 -18.40 16.96
C LEU B 220 12.76 -19.69 17.30
N ILE B 221 13.07 -20.49 16.28
CA ILE B 221 13.85 -21.70 16.50
C ILE B 221 15.19 -21.37 17.13
N GLN B 222 15.84 -20.31 16.63
CA GLN B 222 17.14 -19.88 17.16
C GLN B 222 17.07 -19.17 18.52
N ASN B 223 16.00 -18.43 18.75
CA ASN B 223 15.99 -17.57 19.94
C ASN B 223 15.04 -17.95 21.08
N ASP B 224 14.03 -18.78 20.80
CA ASP B 224 13.04 -19.11 21.82
C ASP B 224 12.32 -20.41 21.47
N LEU B 225 13.11 -21.43 21.19
CA LEU B 225 12.60 -22.72 20.70
C LEU B 225 11.56 -23.34 21.65
N ALA B 226 11.82 -23.31 22.95
CA ALA B 226 10.90 -23.91 23.91
C ALA B 226 9.52 -23.28 23.84
N ARG B 227 9.49 -21.95 23.81
CA ARG B 227 8.23 -21.22 23.73
C ARG B 227 7.50 -21.47 22.41
N LEU B 228 8.24 -21.56 21.32
CA LEU B 228 7.63 -21.87 20.03
C LEU B 228 6.92 -23.23 20.11
N LYS B 229 7.62 -24.20 20.66
CA LYS B 229 7.09 -25.54 20.85
C LYS B 229 5.87 -25.57 21.77
N SER B 230 6.00 -24.95 22.94
CA SER B 230 4.91 -24.90 23.92
C SER B 230 3.68 -24.16 23.40
N HIS B 231 3.90 -23.08 22.65
CA HIS B 231 2.77 -22.34 22.10
C HIS B 231 1.86 -23.15 21.19
N TYR B 232 2.46 -23.84 20.22
CA TYR B 232 1.68 -24.62 19.27
C TYR B 232 1.52 -26.07 19.73
N ASN B 233 2.15 -26.40 20.84
CA ASN B 233 2.09 -27.73 21.42
C ASN B 233 2.60 -28.77 20.42
N ILE B 234 3.84 -28.57 19.97
CA ILE B 234 4.43 -29.42 18.95
C ILE B 234 5.82 -29.85 19.36
N GLU B 235 6.30 -30.90 18.72
CA GLU B 235 7.67 -31.35 18.92
C GLU B 235 8.19 -31.76 17.55
N VAL B 236 9.38 -31.32 17.19
CA VAL B 236 9.90 -31.45 15.83
C VAL B 236 11.36 -31.88 15.85
N PRO B 237 11.73 -32.85 14.99
CA PRO B 237 13.12 -33.31 14.95
C PRO B 237 14.09 -32.17 14.73
N GLU B 238 15.17 -32.14 15.48
CA GLU B 238 16.14 -31.05 15.38
C GLU B 238 16.86 -31.06 14.03
N ASP B 239 16.94 -32.22 13.36
CA ASP B 239 17.56 -32.24 12.03
C ASP B 239 16.59 -32.10 10.85
N ALA B 240 15.31 -31.82 11.14
CA ALA B 240 14.34 -31.62 10.08
C ALA B 240 14.53 -30.24 9.41
N GLU B 241 14.13 -30.14 8.15
CA GLU B 241 14.18 -28.86 7.43
C GLU B 241 12.95 -28.05 7.82
N ILE B 242 12.94 -26.76 7.45
CA ILE B 242 11.90 -25.86 7.97
C ILE B 242 10.49 -26.34 7.58
N ILE B 243 10.36 -27.01 6.46
CA ILE B 243 9.06 -27.50 6.04
C ILE B 243 8.39 -28.35 7.13
N ALA B 244 9.18 -29.09 7.90
CA ALA B 244 8.66 -29.92 8.98
C ALA B 244 7.93 -29.11 10.05
N TRP B 245 8.36 -27.87 10.25
CA TRP B 245 7.70 -27.00 11.23
C TRP B 245 6.32 -26.57 10.74
N PHE B 246 6.24 -26.16 9.47
CA PHE B 246 4.94 -25.86 8.87
C PHE B 246 4.02 -27.08 8.98
N ASP B 247 4.54 -28.25 8.62
CA ASP B 247 3.71 -29.46 8.68
C ASP B 247 3.24 -29.77 10.09
N ALA B 248 4.12 -29.59 11.08
CA ALA B 248 3.77 -29.89 12.47
C ALA B 248 2.69 -28.96 12.98
N ILE B 249 2.83 -27.67 12.70
CA ILE B 249 1.80 -26.71 13.08
C ILE B 249 0.48 -27.02 12.37
N GLY B 250 0.52 -27.15 11.06
CA GLY B 250 -0.67 -27.44 10.27
C GLY B 250 -1.41 -28.67 10.74
N LYS B 251 -0.67 -29.76 10.95
CA LYS B 251 -1.27 -30.99 11.45
C LYS B 251 -1.93 -30.80 12.81
N LYS B 252 -1.22 -30.16 13.75
CA LYS B 252 -1.77 -29.97 15.10
C LYS B 252 -2.99 -29.05 15.12
N ARG B 253 -3.05 -28.08 14.21
CA ARG B 253 -4.16 -27.13 14.16
C ARG B 253 -5.27 -27.56 13.21
N GLY B 254 -5.08 -28.68 12.54
CA GLY B 254 -6.10 -29.19 11.62
C GLY B 254 -6.24 -28.37 10.35
N LEU B 255 -5.21 -27.60 10.02
CA LEU B 255 -5.23 -26.81 8.80
C LEU B 255 -4.86 -27.67 7.60
N ILE B 256 -5.86 -28.37 7.07
CA ILE B 256 -5.66 -29.32 5.98
C ILE B 256 -6.61 -29.08 4.82
N ARG B 257 -6.27 -29.63 3.66
CA ARG B 257 -7.05 -29.48 2.44
C ARG B 257 -6.84 -30.69 1.55
N ARG B 258 -7.81 -30.98 0.69
CA ARG B 258 -7.74 -32.12 -0.21
C ARG B 258 -7.32 -33.41 0.51
N GLY B 259 -8.14 -33.85 1.47
CA GLY B 259 -7.85 -35.07 2.20
C GLY B 259 -7.05 -34.83 3.46
N ASN B 260 -5.72 -34.93 3.34
CA ASN B 260 -4.83 -34.64 4.47
C ASN B 260 -3.52 -33.98 4.06
N GLU B 261 -3.57 -33.19 2.99
CA GLU B 261 -2.44 -32.34 2.64
C GLU B 261 -2.46 -31.12 3.56
N ILE B 262 -1.30 -30.48 3.75
CA ILE B 262 -1.25 -29.30 4.61
C ILE B 262 -1.65 -28.05 3.83
N ASP B 263 -2.54 -27.27 4.42
CA ASP B 263 -2.91 -25.97 3.89
C ASP B 263 -1.85 -24.95 4.27
N TYR B 264 -0.82 -24.82 3.43
CA TYR B 264 0.33 -23.97 3.77
C TYR B 264 -0.04 -22.49 3.84
N GLU B 265 -0.87 -22.03 2.91
CA GLU B 265 -1.31 -20.64 2.93
C GLU B 265 -1.94 -20.30 4.29
N ALA B 266 -2.69 -21.24 4.87
CA ALA B 266 -3.32 -21.02 6.17
C ALA B 266 -2.31 -21.03 7.32
N VAL B 267 -1.35 -21.94 7.26
CA VAL B 267 -0.30 -22.00 8.28
C VAL B 267 0.56 -20.73 8.23
N ILE B 268 0.91 -20.30 7.03
CA ILE B 268 1.67 -19.09 6.83
C ILE B 268 0.95 -17.90 7.48
N GLU B 269 -0.35 -17.77 7.21
CA GLU B 269 -1.11 -16.68 7.80
C GLU B 269 -1.17 -16.74 9.33
N LEU B 270 -1.30 -17.94 9.87
CA LEU B 270 -1.34 -18.13 11.30
C LEU B 270 -0.01 -17.73 11.97
N ILE B 271 1.10 -18.17 11.38
CA ILE B 271 2.42 -17.85 11.93
C ILE B 271 2.64 -16.34 11.92
N ILE B 272 2.38 -15.72 10.78
CA ILE B 272 2.57 -14.28 10.60
C ILE B 272 1.70 -13.51 11.60
N TYR B 273 0.42 -13.87 11.69
CA TYR B 273 -0.46 -13.23 12.67
C TYR B 273 0.05 -13.38 14.11
N ASP B 274 0.49 -14.58 14.47
CA ASP B 274 0.96 -14.82 15.82
C ASP B 274 2.23 -14.04 16.14
N ILE B 275 3.11 -13.89 15.16
CA ILE B 275 4.34 -13.12 15.38
C ILE B 275 4.02 -11.61 15.41
N ARG B 276 3.23 -11.14 14.43
CA ARG B 276 2.84 -9.70 14.35
C ARG B 276 2.13 -9.22 15.60
N ASN B 277 1.30 -10.08 16.17
CA ASN B 277 0.48 -9.68 17.29
C ASN B 277 0.98 -10.21 18.62
N ALA B 278 2.23 -10.65 18.63
CA ALA B 278 2.90 -11.07 19.86
C ALA B 278 2.14 -12.16 20.62
N LYS B 279 1.57 -13.12 19.88
CA LYS B 279 0.84 -14.21 20.52
C LYS B 279 1.80 -15.27 21.07
N ILE B 280 2.99 -15.34 20.51
CA ILE B 280 3.96 -16.33 20.95
C ILE B 280 4.87 -15.79 22.04
N GLY B 281 5.34 -14.56 21.86
CA GLY B 281 6.19 -13.94 22.87
C GLY B 281 6.45 -12.49 22.50
N ASN B 282 7.23 -11.81 23.34
CA ASN B 282 7.60 -10.41 23.11
C ASN B 282 9.05 -10.34 22.68
N TYR B 283 9.26 -10.13 21.39
CA TYR B 283 10.61 -10.23 20.82
C TYR B 283 11.10 -8.93 20.20
N CYS B 284 12.41 -8.74 20.29
CA CYS B 284 13.09 -7.74 19.48
C CYS B 284 13.85 -8.44 18.36
N PHE B 285 13.45 -8.17 17.11
CA PHE B 285 14.01 -8.91 15.98
C PHE B 285 15.32 -8.30 15.46
N ASP B 286 15.66 -7.10 15.95
CA ASP B 286 16.95 -6.51 15.65
C ASP B 286 17.94 -7.00 16.70
N ILE B 287 18.70 -8.03 16.37
CA ILE B 287 19.69 -8.58 17.31
C ILE B 287 20.98 -7.79 17.15
N PHE B 288 21.27 -6.93 18.12
CA PHE B 288 22.36 -5.98 18.01
C PHE B 288 23.68 -6.66 17.61
N LYS B 289 24.01 -7.77 18.25
CA LYS B 289 25.32 -8.39 18.01
C LYS B 289 25.37 -9.05 16.63
N ASP B 290 24.23 -9.33 16.03
CA ASP B 290 24.17 -9.89 14.67
C ASP B 290 24.18 -8.82 13.56
N MET B 291 24.13 -7.55 13.95
CA MET B 291 23.99 -6.49 12.98
C MET B 291 25.25 -5.66 12.84
N THR B 292 26.38 -6.20 13.29
CA THR B 292 27.63 -5.45 13.33
C THR B 292 28.00 -4.93 11.93
N GLU B 293 27.86 -5.79 10.94
CA GLU B 293 28.22 -5.44 9.57
C GLU B 293 27.35 -4.32 9.01
N GLU B 294 26.04 -4.44 9.20
CA GLU B 294 25.11 -3.41 8.77
C GLU B 294 25.37 -2.07 9.45
N LEU B 295 25.63 -2.11 10.75
CA LEU B 295 25.93 -0.88 11.50
C LEU B 295 27.18 -0.19 10.95
N ALA B 296 28.22 -0.97 10.66
CA ALA B 296 29.45 -0.42 10.09
C ALA B 296 29.19 0.20 8.71
N ASN B 297 28.39 -0.46 7.88
CA ASN B 297 28.03 0.08 6.56
C ASN B 297 27.37 1.43 6.65
N ASP B 298 26.46 1.57 7.61
CA ASP B 298 25.70 2.79 7.79
C ASP B 298 26.53 3.88 8.44
N ALA B 299 27.49 3.50 9.28
CA ALA B 299 28.24 4.44 10.12
C ALA B 299 29.17 5.35 9.32
N ASN B 300 29.59 6.45 9.95
CA ASN B 300 30.45 7.45 9.33
C ASN B 300 29.80 8.12 8.12
PD 0O2 C . -14.46 -10.39 -5.31
O1D 0O2 C . -14.82 -10.19 -6.73
O2D 0O2 C . -15.15 -11.67 -4.95
O3D 0O2 C . -15.18 -9.32 -4.58
PG 0O2 C . -3.12 -7.43 -8.88
O1G 0O2 C . -2.85 -6.40 -7.85
O2G 0O2 C . -2.05 -7.18 -9.90
O3G 0O2 C . -2.71 -8.70 -8.22
PB 0O2 C . -5.33 -8.10 -10.60
O1B 0O2 C . -5.02 -7.32 -11.82
O2B 0O2 C . -4.75 -9.45 -10.83
O3B 0O2 C . -4.64 -7.38 -9.38
O3A 0O2 C . -6.88 -8.12 -10.35
PA 0O2 C . -7.82 -9.28 -9.83
O1A 0O2 C . -7.85 -10.43 -10.75
O2A 0O2 C . -7.29 -9.86 -8.56
O5' 0O2 C . -9.29 -8.71 -9.67
C5' 0O2 C . -9.57 -7.59 -8.83
C4' 0O2 C . -11.00 -7.63 -8.43
O4' 0O2 C . -11.93 -7.25 -9.57
C3' 0O2 C . -11.44 -8.98 -8.00
O3' 0O2 C . -12.39 -8.77 -6.91
C2' 0O2 C . -12.14 -9.57 -9.12
O2' 0O2 C . -13.11 -10.57 -8.65
C1' 0O2 C . -12.84 -8.47 -9.78
N9 0O2 C . -13.04 -8.56 -11.16
C8 0O2 C . -12.09 -8.85 -11.86
N7 0O2 C . -12.46 -8.85 -13.16
C5 0O2 C . -13.96 -8.46 -13.02
C6 0O2 C . -15.02 -8.23 -13.97
O6 0O2 C . -14.81 -8.36 -15.33
N1 0O2 C . -16.32 -7.84 -13.54
C2 0O2 C . -16.55 -7.68 -12.20
N2 0O2 C . -17.84 -7.30 -11.79
N3 0O2 C . -15.46 -7.89 -11.23
C4 0O2 C . -14.16 -8.29 -11.65
PC 0O2 C . -12.01 -9.16 -5.42
O1C 0O2 C . -10.57 -9.43 -5.22
O2C 0O2 C . -12.22 -8.00 -4.51
O3C 0O2 C . -12.90 -10.39 -5.02
H1 0O2 C . -15.63 -7.79 -10.34
H7 0O2 C . -9.40 -6.76 -9.32
H8 0O2 C . -9.01 -7.64 -8.04
H9 0O2 C . -11.13 -7.01 -7.68
H10 0O2 C . -10.68 -9.52 -7.72
H11 0O2 C . -11.50 -9.99 -9.73
H12 0O2 C . -12.68 -11.32 -8.46
H13 0O2 C . -13.70 -8.32 -9.33
H14 0O2 C . -11.20 -9.06 -11.53
H15 0O2 C . -18.08 -7.34 -10.92
H16 0O2 C . -18.45 -7.01 -12.42
PD 0O2 D . -5.67 -1.04 17.32
O1D 0O2 D . -4.49 -1.40 18.16
O2D 0O2 D . -5.98 0.38 17.63
O3D 0O2 D . -6.77 -1.82 17.95
PG 0O2 D . 0.63 6.03 10.24
O1G 0O2 D . 0.61 5.25 8.97
O2G 0O2 D . -0.69 6.72 10.25
O3G 0O2 D . 1.65 7.10 9.99
PB 0O2 D . 1.09 5.62 12.97
O1B 0O2 D . 2.54 5.90 13.17
O2B 0O2 D . 0.36 6.88 13.25
O3B 0O2 D . 0.89 5.11 11.49
O3A 0O2 D . 0.63 4.45 13.91
PA 0O2 D . -0.71 4.23 14.71
O1A 0O2 D . -0.91 5.21 15.83
O2A 0O2 D . -1.93 4.41 13.88
O5' 0O2 D . -0.66 2.80 15.40
C5' 0O2 D . -0.58 1.62 14.63
C4' 0O2 D . -1.01 0.47 15.45
O4' 0O2 D . -0.01 0.20 16.56
C3' 0O2 D . -2.30 0.71 16.10
O3' 0O2 D . -3.05 -0.56 16.06
C2' 0O2 D . -2.02 1.07 17.48
O2' 0O2 D . -3.13 0.74 18.38
C1' 0O2 D . -0.84 0.28 17.85
N9 0O2 D . 0.02 0.80 18.82
C8 0O2 D . 0.44 1.93 18.69
N7 0O2 D . 1.29 2.23 19.73
C5 0O2 D . 1.27 0.87 20.50
C6 0O2 D . 1.93 0.38 21.68
O6 0O2 D . 2.82 1.15 22.43
N1 0O2 D . 1.69 -0.96 22.13
C2 0O2 D . 0.83 -1.75 21.41
N2 0O2 D . 0.58 -3.07 21.84
N3 0O2 D . 0.17 -1.24 20.19
C4 0O2 D . 0.40 0.07 19.74
PC 0O2 D . -4.18 -0.88 14.98
O1C 0O2 D . -3.78 -1.98 14.07
O2C 0O2 D . -4.43 0.21 14.01
O3C 0O2 D . -5.49 -1.30 15.76
H1 0O2 D . -0.39 -1.79 19.73
H7 0O2 D . -1.16 1.70 13.85
H8 0O2 D . 0.34 1.49 14.34
H9 0O2 D . -1.07 -0.31 14.88
H10 0O2 D . -2.80 1.42 15.66
H11 0O2 D . -1.82 2.02 17.54
H12 0O2 D . -3.85 1.21 18.15
H13 0O2 D . -1.11 -0.62 18.11
H14 0O2 D . 0.18 2.56 17.98
H15 0O2 D . -0.12 -3.54 21.50
H16 0O2 D . 1.13 -3.46 22.47
#